data_1EK5
#
_entry.id   1EK5
#
_cell.length_a   50.300
_cell.length_b   116.400
_cell.length_c   130.400
_cell.angle_alpha   90.00
_cell.angle_beta   90.00
_cell.angle_gamma   90.00
#
_symmetry.space_group_name_H-M   'C 2 2 21'
#
loop_
_entity.id
_entity.type
_entity.pdbx_description
1 polymer 'UDP-GALACTOSE 4-EPIMERASE'
2 non-polymer NICOTINAMIDE-ADENINE-DINUCLEOTIDE
3 water water
#
_entity_poly.entity_id   1
_entity_poly.type   'polypeptide(L)'
_entity_poly.pdbx_seq_one_letter_code
;MAEKVLVTGGAGYIGSHTVLELLEAGYLPVVIDNFHNAFRGGGSLPESLRRVQELTGRSVEFEEMDILDQGALQRLFKKY
SFMAVIHFAGLKAVGESVQKPLDYYRVNLTGTIQLLEIMKAHGVKNLVFSSSATVYGNPQYLPLDEAHPTGGCTNPYGKS
KFFIEEMIRDLCQADKTWNAVLLRYFNPTGAHASGCIGEDPQGIPNNLMPYVSQVAIGRREALNVFGNDYDTEDGTGVRD
YIHVVDLAKGHIAALRKLKEQCGCRIYNLGTGTGYSVLQMVQAMEKASGKKIPYKVVARREGDVAACYANPSLAQEELGW
TAALGLDRMCEDLWRWQKQNPSGFGTQA
;
_entity_poly.pdbx_strand_id   A
#
loop_
_chem_comp.id
_chem_comp.type
_chem_comp.name
_chem_comp.formula
NAD non-polymer NICOTINAMIDE-ADENINE-DINUCLEOTIDE 'C21 H27 N7 O14 P2'
#
# COMPACT_ATOMS: atom_id res chain seq x y z
N MET A 1 -18.41 10.24 15.95
CA MET A 1 -17.48 10.84 15.01
C MET A 1 -18.08 11.57 13.79
N ALA A 2 -18.70 12.76 14.02
CA ALA A 2 -19.28 13.62 12.99
C ALA A 2 -18.24 14.16 12.00
N GLU A 3 -16.94 14.09 12.37
CA GLU A 3 -15.89 14.57 11.49
C GLU A 3 -15.43 13.48 10.54
N LYS A 4 -15.19 13.91 9.30
CA LYS A 4 -14.78 12.99 8.27
C LYS A 4 -13.30 12.76 8.14
N VAL A 5 -12.97 11.69 7.44
CA VAL A 5 -11.61 11.34 7.18
C VAL A 5 -11.44 11.36 5.69
N LEU A 6 -10.56 12.23 5.18
CA LEU A 6 -10.31 12.24 3.73
C LEU A 6 -9.34 11.11 3.32
N VAL A 7 -9.70 10.29 2.32
CA VAL A 7 -8.85 9.21 1.81
C VAL A 7 -8.53 9.50 0.34
N THR A 8 -7.30 9.94 0.03
CA THR A 8 -6.99 10.24 -1.36
C THR A 8 -6.63 8.91 -2.01
N GLY A 9 -7.00 8.72 -3.30
CA GLY A 9 -6.70 7.48 -4.01
C GLY A 9 -7.37 6.26 -3.32
N GLY A 10 -8.51 6.55 -2.69
CA GLY A 10 -9.29 5.56 -1.92
C GLY A 10 -9.96 4.46 -2.73
N ALA A 11 -9.99 4.59 -4.06
CA ALA A 11 -10.61 3.59 -4.93
C ALA A 11 -9.67 2.45 -5.31
N GLY A 12 -8.38 2.65 -5.00
CA GLY A 12 -7.33 1.74 -5.30
C GLY A 12 -7.31 0.54 -4.40
N TYR A 13 -6.26 -0.24 -4.59
CA TYR A 13 -6.05 -1.46 -3.88
C TYR A 13 -5.95 -1.29 -2.38
N ILE A 14 -4.95 -0.55 -1.96
CA ILE A 14 -4.75 -0.34 -0.54
C ILE A 14 -5.84 0.59 0.00
N GLY A 15 -6.20 1.61 -0.76
CA GLY A 15 -7.20 2.56 -0.33
C GLY A 15 -8.58 1.93 -0.06
N SER A 16 -9.07 1.13 -0.99
CA SER A 16 -10.37 0.51 -0.82
C SER A 16 -10.45 -0.30 0.46
N HIS A 17 -9.41 -1.09 0.74
CA HIS A 17 -9.31 -1.94 1.89
C HIS A 17 -9.33 -1.10 3.16
N THR A 18 -8.66 0.03 3.08
CA THR A 18 -8.56 0.97 4.16
C THR A 18 -9.88 1.64 4.36
N VAL A 19 -10.52 1.90 3.27
CA VAL A 19 -11.82 2.50 3.38
C VAL A 19 -12.79 1.53 4.09
N LEU A 20 -12.71 0.27 3.75
CA LEU A 20 -13.57 -0.69 4.42
C LEU A 20 -13.30 -0.75 5.95
N GLU A 21 -12.02 -0.78 6.32
CA GLU A 21 -11.63 -0.81 7.73
C GLU A 21 -12.11 0.44 8.45
N LEU A 22 -12.07 1.59 7.79
CA LEU A 22 -12.56 2.85 8.32
C LEU A 22 -14.05 2.76 8.63
N LEU A 23 -14.84 2.20 7.72
CA LEU A 23 -16.29 2.03 7.87
C LEU A 23 -16.62 1.09 9.03
N GLU A 24 -15.97 -0.06 9.04
CA GLU A 24 -16.12 -1.06 10.06
C GLU A 24 -15.78 -0.54 11.45
N ALA A 25 -14.81 0.35 11.55
CA ALA A 25 -14.36 0.95 12.78
C ALA A 25 -15.16 2.17 13.23
N GLY A 26 -16.10 2.63 12.44
CA GLY A 26 -16.84 3.75 12.93
C GLY A 26 -16.49 5.09 12.38
N TYR A 27 -15.61 5.09 11.40
CA TYR A 27 -15.24 6.35 10.84
C TYR A 27 -16.04 6.68 9.62
N LEU A 28 -16.02 7.97 9.28
CA LEU A 28 -16.73 8.54 8.16
C LEU A 28 -15.75 9.04 7.09
N PRO A 29 -15.57 8.23 6.08
CA PRO A 29 -14.62 8.59 5.06
C PRO A 29 -15.23 9.27 3.87
N VAL A 30 -14.42 10.18 3.36
CA VAL A 30 -14.71 10.92 2.14
C VAL A 30 -13.59 10.46 1.20
N VAL A 31 -13.91 9.92 0.04
CA VAL A 31 -12.84 9.46 -0.81
C VAL A 31 -12.73 10.25 -2.10
N ILE A 32 -11.50 10.51 -2.55
CA ILE A 32 -11.28 11.18 -3.82
C ILE A 32 -10.33 10.32 -4.65
N ASP A 33 -10.60 10.24 -5.95
CA ASP A 33 -9.79 9.47 -6.88
C ASP A 33 -10.03 10.03 -8.27
N ASN A 34 -9.03 9.90 -9.15
CA ASN A 34 -9.20 10.41 -10.50
C ASN A 34 -9.39 9.26 -11.46
N PHE A 35 -9.42 8.08 -10.91
CA PHE A 35 -9.62 6.90 -11.74
C PHE A 35 -8.41 6.58 -12.63
N HIS A 36 -7.25 7.10 -12.29
CA HIS A 36 -6.10 6.78 -13.12
C HIS A 36 -5.80 5.30 -13.07
N ASN A 37 -6.10 4.70 -11.97
CA ASN A 37 -5.80 3.30 -11.90
C ASN A 37 -6.86 2.52 -11.13
N ALA A 38 -8.12 2.91 -11.30
CA ALA A 38 -9.22 2.22 -10.66
C ALA A 38 -10.39 2.12 -11.62
N PHE A 39 -11.15 1.06 -11.47
CA PHE A 39 -12.32 0.75 -12.26
C PHE A 39 -13.53 1.51 -11.84
N ARG A 40 -14.15 2.03 -12.88
CA ARG A 40 -15.37 2.80 -12.84
C ARG A 40 -16.61 1.92 -12.62
N GLY A 41 -17.18 2.06 -11.43
CA GLY A 41 -18.36 1.30 -11.07
C GLY A 41 -19.60 1.75 -11.83
N GLY A 42 -20.65 0.97 -11.60
CA GLY A 42 -21.89 1.29 -12.24
C GLY A 42 -22.51 2.59 -11.74
N GLY A 43 -22.61 2.75 -10.41
CA GLY A 43 -23.22 3.94 -9.83
C GLY A 43 -22.37 5.21 -9.88
N SER A 44 -22.46 5.86 -8.73
CA SER A 44 -21.81 7.12 -8.37
C SER A 44 -20.34 6.92 -7.92
N LEU A 45 -19.97 5.63 -7.76
CA LEU A 45 -18.68 5.22 -7.30
C LEU A 45 -17.92 4.25 -8.16
N PRO A 46 -16.68 4.11 -7.80
CA PRO A 46 -15.83 3.13 -8.41
C PRO A 46 -16.35 1.76 -7.94
N GLU A 47 -16.10 0.78 -8.76
CA GLU A 47 -16.56 -0.55 -8.48
C GLU A 47 -16.09 -1.10 -7.15
N SER A 48 -14.85 -0.76 -6.81
CA SER A 48 -14.25 -1.22 -5.57
C SER A 48 -15.03 -0.67 -4.36
N LEU A 49 -15.43 0.60 -4.39
CA LEU A 49 -16.18 1.21 -3.30
C LEU A 49 -17.65 0.82 -3.25
N ARG A 50 -18.20 0.57 -4.42
CA ARG A 50 -19.56 0.12 -4.47
C ARG A 50 -19.63 -1.20 -3.68
N ARG A 51 -18.69 -2.12 -3.99
CA ARG A 51 -18.61 -3.38 -3.27
C ARG A 51 -18.34 -3.19 -1.77
N VAL A 52 -17.63 -2.14 -1.41
CA VAL A 52 -17.34 -1.89 0.00
C VAL A 52 -18.61 -1.52 0.72
N GLN A 53 -19.45 -0.72 0.08
CA GLN A 53 -20.67 -0.35 0.71
C GLN A 53 -21.51 -1.58 0.95
N GLU A 54 -21.55 -2.43 -0.05
CA GLU A 54 -22.33 -3.66 0.05
C GLU A 54 -21.84 -4.53 1.19
N LEU A 55 -20.52 -4.70 1.24
CA LEU A 55 -19.89 -5.51 2.25
C LEU A 55 -20.11 -5.05 3.72
N THR A 56 -20.13 -3.75 3.92
CA THR A 56 -20.27 -3.11 5.22
C THR A 56 -21.69 -2.66 5.56
N GLY A 57 -22.49 -2.35 4.56
CA GLY A 57 -23.83 -1.84 4.77
C GLY A 57 -23.72 -0.39 5.19
N ARG A 58 -22.53 0.14 5.01
CA ARG A 58 -22.27 1.51 5.36
C ARG A 58 -21.95 2.27 4.08
N SER A 59 -22.09 3.56 4.13
CA SER A 59 -21.83 4.30 2.93
C SER A 59 -20.56 5.15 2.98
N VAL A 60 -20.10 5.49 1.80
CA VAL A 60 -18.91 6.32 1.65
C VAL A 60 -19.21 7.53 0.80
N GLU A 61 -18.64 8.66 1.16
CA GLU A 61 -18.85 9.81 0.31
C GLU A 61 -17.71 9.78 -0.72
N PHE A 62 -18.00 10.06 -1.96
CA PHE A 62 -16.89 10.01 -2.89
C PHE A 62 -16.93 11.15 -3.86
N GLU A 63 -15.74 11.65 -4.20
CA GLU A 63 -15.61 12.74 -5.17
C GLU A 63 -14.57 12.42 -6.22
N GLU A 64 -14.92 12.46 -7.50
CA GLU A 64 -13.94 12.22 -8.56
C GLU A 64 -13.07 13.48 -8.73
N MET A 65 -11.79 13.36 -8.53
CA MET A 65 -10.99 14.55 -8.70
C MET A 65 -9.53 14.18 -8.67
N ASP A 66 -8.70 15.11 -9.16
CA ASP A 66 -7.27 14.94 -9.21
C ASP A 66 -6.64 15.83 -8.17
N ILE A 67 -5.69 15.25 -7.40
CA ILE A 67 -5.00 16.01 -6.37
C ILE A 67 -4.14 17.14 -6.97
N LEU A 68 -3.90 17.10 -8.28
CA LEU A 68 -3.14 18.14 -8.92
C LEU A 68 -4.05 19.31 -9.23
N ASP A 69 -5.34 19.13 -9.02
CA ASP A 69 -6.26 20.21 -9.29
C ASP A 69 -6.53 21.04 -8.03
N GLN A 70 -5.86 22.18 -7.91
CA GLN A 70 -6.00 23.06 -6.78
C GLN A 70 -7.43 23.54 -6.56
N GLY A 71 -8.15 23.88 -7.63
CA GLY A 71 -9.51 24.34 -7.48
C GLY A 71 -10.41 23.32 -6.79
N ALA A 72 -10.30 22.09 -7.27
CA ALA A 72 -11.02 20.92 -6.79
C ALA A 72 -10.73 20.72 -5.30
N LEU A 73 -9.44 20.81 -4.97
CA LEU A 73 -9.02 20.67 -3.59
C LEU A 73 -9.60 21.74 -2.67
N GLN A 74 -9.64 22.99 -3.12
CA GLN A 74 -10.17 24.10 -2.33
C GLN A 74 -11.63 23.88 -1.99
N ARG A 75 -12.36 23.45 -3.03
CA ARG A 75 -13.79 23.17 -2.91
C ARG A 75 -14.04 22.01 -1.96
N LEU A 76 -13.25 21.00 -2.12
CA LEU A 76 -13.40 19.82 -1.30
C LEU A 76 -13.33 20.17 0.18
N PHE A 77 -12.28 20.91 0.49
CA PHE A 77 -11.94 21.35 1.83
C PHE A 77 -12.93 22.33 2.42
N LYS A 78 -13.60 23.06 1.54
CA LYS A 78 -14.58 24.02 1.99
C LYS A 78 -15.91 23.34 2.34
N LYS A 79 -16.15 22.26 1.61
CA LYS A 79 -17.35 21.47 1.70
C LYS A 79 -17.37 20.49 2.86
N TYR A 80 -16.20 20.01 3.24
CA TYR A 80 -16.13 19.06 4.33
C TYR A 80 -15.18 19.52 5.39
N SER A 81 -15.42 18.96 6.57
CA SER A 81 -14.64 19.19 7.77
C SER A 81 -13.90 17.89 8.06
N PHE A 82 -12.60 17.93 7.80
CA PHE A 82 -11.75 16.78 7.99
C PHE A 82 -10.97 16.86 9.27
N MET A 83 -10.83 15.71 9.89
CA MET A 83 -10.08 15.61 11.11
C MET A 83 -8.68 15.12 10.78
N ALA A 84 -8.56 14.49 9.61
CA ALA A 84 -7.28 13.95 9.17
C ALA A 84 -7.40 13.55 7.68
N VAL A 85 -6.25 13.29 7.11
CA VAL A 85 -6.09 12.84 5.74
C VAL A 85 -5.18 11.59 5.69
N ILE A 86 -5.55 10.55 4.92
CA ILE A 86 -4.76 9.35 4.71
C ILE A 86 -4.46 9.47 3.23
N HIS A 87 -3.18 9.61 2.89
CA HIS A 87 -2.75 9.85 1.53
C HIS A 87 -2.19 8.64 0.80
N PHE A 88 -3.01 8.15 -0.12
CA PHE A 88 -2.65 7.01 -0.93
C PHE A 88 -2.48 7.43 -2.41
N ALA A 89 -3.08 8.57 -2.85
CA ALA A 89 -3.07 9.04 -4.23
C ALA A 89 -1.68 9.13 -4.81
N GLY A 90 -1.39 8.48 -5.94
CA GLY A 90 -0.05 8.53 -6.50
C GLY A 90 0.17 7.46 -7.53
N LEU A 91 1.32 7.49 -8.23
CA LEU A 91 1.72 6.48 -9.24
C LEU A 91 2.64 5.53 -8.51
N LYS A 92 2.50 4.21 -8.67
CA LYS A 92 3.33 3.31 -7.87
C LYS A 92 3.95 2.09 -8.53
N ALA A 93 3.90 2.05 -9.87
CA ALA A 93 4.47 0.96 -10.67
C ALA A 93 5.93 1.26 -10.88
N VAL A 94 6.71 0.58 -10.08
CA VAL A 94 8.12 0.73 -10.11
C VAL A 94 8.72 0.61 -11.52
N GLY A 95 8.34 -0.40 -12.31
CA GLY A 95 8.89 -0.59 -13.66
C GLY A 95 8.52 0.57 -14.55
N GLU A 96 7.35 1.09 -14.30
CA GLU A 96 6.96 2.21 -15.09
C GLU A 96 7.68 3.44 -14.55
N SER A 97 8.12 3.48 -13.29
CA SER A 97 8.73 4.75 -12.88
C SER A 97 10.02 5.14 -13.66
N VAL A 98 10.68 4.10 -14.14
CA VAL A 98 11.91 4.23 -14.88
C VAL A 98 11.69 4.77 -16.28
N GLN A 99 10.60 4.37 -16.92
CA GLN A 99 10.30 4.82 -18.27
C GLN A 99 9.65 6.18 -18.31
N LYS A 100 8.90 6.53 -17.25
CA LYS A 100 8.15 7.79 -17.13
C LYS A 100 8.49 8.61 -15.84
N PRO A 101 9.76 8.83 -15.51
CA PRO A 101 10.11 9.56 -14.30
C PRO A 101 9.36 10.87 -14.04
N LEU A 102 9.21 11.69 -15.04
CA LEU A 102 8.53 12.95 -14.86
C LEU A 102 7.13 12.84 -14.35
N ASP A 103 6.44 11.85 -14.89
CA ASP A 103 5.08 11.65 -14.46
C ASP A 103 5.11 11.26 -12.97
N TYR A 104 6.09 10.41 -12.57
CA TYR A 104 6.18 10.01 -11.18
C TYR A 104 6.39 11.19 -10.24
N TYR A 105 7.39 12.00 -10.58
CA TYR A 105 7.72 13.17 -9.80
C TYR A 105 6.62 14.19 -9.83
N ARG A 106 6.05 14.37 -11.00
CA ARG A 106 4.95 15.31 -11.09
C ARG A 106 3.75 14.91 -10.22
N VAL A 107 3.19 13.74 -10.47
CA VAL A 107 2.06 13.30 -9.69
C VAL A 107 2.36 13.15 -8.18
N ASN A 108 3.40 12.42 -7.84
CA ASN A 108 3.72 12.19 -6.47
C ASN A 108 4.18 13.41 -5.65
N LEU A 109 5.20 14.13 -6.15
CA LEU A 109 5.71 15.29 -5.45
C LEU A 109 4.78 16.48 -5.51
N THR A 110 4.46 16.88 -6.70
CA THR A 110 3.57 18.00 -6.90
C THR A 110 2.22 17.79 -6.27
N GLY A 111 1.63 16.62 -6.48
CA GLY A 111 0.34 16.29 -5.91
C GLY A 111 0.41 16.43 -4.41
N THR A 112 1.45 15.85 -3.85
CA THR A 112 1.62 15.93 -2.42
C THR A 112 1.77 17.32 -1.88
N ILE A 113 2.61 18.09 -2.56
CA ILE A 113 2.82 19.48 -2.18
C ILE A 113 1.48 20.27 -2.20
N GLN A 114 0.70 20.12 -3.25
CA GLN A 114 -0.58 20.76 -3.35
C GLN A 114 -1.48 20.39 -2.15
N LEU A 115 -1.48 19.12 -1.83
CA LEU A 115 -2.26 18.60 -0.74
C LEU A 115 -1.84 19.20 0.60
N LEU A 116 -0.55 19.19 0.84
CA LEU A 116 -0.06 19.74 2.09
C LEU A 116 -0.41 21.21 2.26
N GLU A 117 -0.30 21.91 1.15
CA GLU A 117 -0.62 23.33 1.17
C GLU A 117 -2.06 23.64 1.50
N ILE A 118 -2.99 22.90 0.89
CA ILE A 118 -4.41 23.07 1.17
C ILE A 118 -4.71 22.63 2.63
N MET A 119 -4.07 21.54 3.08
CA MET A 119 -4.25 21.09 4.46
C MET A 119 -3.85 22.19 5.42
N LYS A 120 -2.70 22.73 5.16
CA LYS A 120 -2.16 23.81 5.95
C LYS A 120 -3.09 25.02 5.91
N ALA A 121 -3.54 25.38 4.73
CA ALA A 121 -4.41 26.51 4.62
C ALA A 121 -5.68 26.29 5.36
N HIS A 122 -6.17 25.06 5.41
CA HIS A 122 -7.44 24.76 6.08
C HIS A 122 -7.35 24.33 7.54
N GLY A 123 -6.13 24.35 8.06
CA GLY A 123 -5.91 23.95 9.43
C GLY A 123 -6.04 22.47 9.67
N VAL A 124 -5.91 21.63 8.62
CA VAL A 124 -5.99 20.19 8.75
C VAL A 124 -4.55 19.72 8.78
N LYS A 125 -3.98 19.68 9.99
CA LYS A 125 -2.58 19.32 10.19
C LYS A 125 -2.32 17.95 10.73
N ASN A 126 -3.13 16.98 10.30
CA ASN A 126 -3.03 15.59 10.68
C ASN A 126 -3.01 14.69 9.46
N LEU A 127 -1.89 14.02 9.27
CA LEU A 127 -1.76 13.18 8.08
C LEU A 127 -1.15 11.82 8.29
N VAL A 128 -1.67 10.86 7.49
CA VAL A 128 -1.11 9.53 7.51
C VAL A 128 -0.62 9.36 6.08
N PHE A 129 0.68 9.16 5.94
CA PHE A 129 1.23 9.00 4.60
C PHE A 129 1.63 7.57 4.38
N SER A 130 1.06 7.03 3.27
CA SER A 130 1.33 5.66 2.89
C SER A 130 2.66 5.65 2.12
N SER A 131 3.74 5.30 2.82
CA SER A 131 5.07 5.29 2.31
C SER A 131 5.54 3.96 1.71
N SER A 132 6.84 3.76 1.63
CA SER A 132 7.35 2.53 1.08
C SER A 132 8.66 2.16 1.74
N ALA A 133 8.80 0.93 2.14
CA ALA A 133 10.04 0.58 2.74
C ALA A 133 11.17 0.56 1.74
N THR A 134 10.88 0.83 0.48
CA THR A 134 11.98 0.89 -0.50
C THR A 134 13.01 2.01 -0.22
N VAL A 135 12.59 3.03 0.56
CA VAL A 135 13.42 4.17 0.95
C VAL A 135 14.67 3.76 1.72
N TYR A 136 14.63 2.57 2.29
CA TYR A 136 15.78 2.12 3.02
C TYR A 136 16.90 1.75 2.07
N GLY A 137 16.54 1.54 0.84
CA GLY A 137 17.54 1.10 -0.12
C GLY A 137 17.96 -0.32 0.24
N ASN A 138 19.16 -0.69 -0.18
CA ASN A 138 19.67 -2.03 0.12
C ASN A 138 20.04 -2.17 1.59
N PRO A 139 19.55 -3.22 2.22
CA PRO A 139 19.80 -3.40 3.64
C PRO A 139 21.23 -3.40 4.01
N GLN A 140 21.52 -2.63 5.03
CA GLN A 140 22.89 -2.66 5.45
C GLN A 140 22.98 -3.62 6.60
N TYR A 141 21.79 -4.01 7.02
CA TYR A 141 21.51 -4.95 8.09
C TYR A 141 20.03 -5.36 8.09
N LEU A 142 19.78 -6.51 8.70
CA LEU A 142 18.44 -7.09 8.81
C LEU A 142 18.09 -7.52 10.23
N PRO A 143 16.84 -7.39 10.64
CA PRO A 143 15.77 -6.82 9.84
C PRO A 143 15.93 -5.31 9.77
N LEU A 144 15.33 -4.71 8.76
CA LEU A 144 15.40 -3.28 8.60
C LEU A 144 14.58 -2.58 9.68
N ASP A 145 15.18 -1.65 10.39
CA ASP A 145 14.37 -0.99 11.35
C ASP A 145 14.33 0.49 11.03
N GLU A 146 13.54 1.19 11.84
CA GLU A 146 13.32 2.61 11.66
C GLU A 146 14.58 3.47 11.77
N ALA A 147 15.64 2.86 12.29
CA ALA A 147 16.89 3.55 12.44
C ALA A 147 17.83 3.33 11.26
N HIS A 148 17.45 2.45 10.35
CA HIS A 148 18.27 2.19 9.16
C HIS A 148 18.29 3.43 8.26
N PRO A 149 19.46 3.73 7.72
CA PRO A 149 19.60 4.86 6.83
C PRO A 149 18.63 4.75 5.66
N THR A 150 18.09 5.89 5.25
CA THR A 150 17.19 5.89 4.11
C THR A 150 17.73 6.78 2.99
N GLY A 151 17.17 6.62 1.79
CA GLY A 151 17.58 7.44 0.67
C GLY A 151 18.50 6.74 -0.30
N GLY A 152 18.75 5.43 -0.12
CA GLY A 152 19.62 4.76 -1.07
C GLY A 152 18.95 4.31 -2.39
N CYS A 153 17.63 4.56 -2.52
CA CYS A 153 16.76 4.25 -3.67
C CYS A 153 17.34 4.48 -5.07
N THR A 154 17.11 3.50 -5.94
CA THR A 154 17.59 3.42 -7.31
C THR A 154 16.63 3.86 -8.40
N ASN A 155 15.35 3.70 -8.15
CA ASN A 155 14.36 4.08 -9.12
C ASN A 155 13.59 5.35 -8.76
N PRO A 156 12.96 5.90 -9.77
CA PRO A 156 12.23 7.09 -9.58
C PRO A 156 11.10 6.93 -8.60
N TYR A 157 10.43 5.79 -8.57
CA TYR A 157 9.32 5.61 -7.61
C TYR A 157 9.79 5.81 -6.15
N GLY A 158 10.84 5.04 -5.81
CA GLY A 158 11.49 4.99 -4.52
C GLY A 158 11.98 6.33 -4.07
N LYS A 159 12.63 7.03 -4.99
CA LYS A 159 13.12 8.33 -4.67
C LYS A 159 11.97 9.27 -4.38
N SER A 160 10.91 9.20 -5.22
CA SER A 160 9.78 10.08 -5.00
C SER A 160 9.20 9.90 -3.62
N LYS A 161 9.16 8.64 -3.15
CA LYS A 161 8.64 8.29 -1.82
C LYS A 161 9.45 8.97 -0.73
N PHE A 162 10.76 8.73 -0.83
CA PHE A 162 11.74 9.28 0.07
C PHE A 162 11.73 10.81 0.09
N PHE A 163 11.50 11.43 -1.09
CA PHE A 163 11.46 12.86 -1.22
C PHE A 163 10.31 13.41 -0.43
N ILE A 164 9.16 12.74 -0.59
CA ILE A 164 7.93 13.08 0.12
C ILE A 164 8.11 12.97 1.65
N GLU A 165 8.70 11.86 2.11
CA GLU A 165 8.95 11.75 3.52
C GLU A 165 9.78 12.91 4.06
N GLU A 166 10.81 13.31 3.33
CA GLU A 166 11.66 14.38 3.74
C GLU A 166 10.93 15.69 3.82
N MET A 167 10.11 15.93 2.83
CA MET A 167 9.38 17.17 2.91
C MET A 167 8.45 17.17 4.12
N ILE A 168 7.79 16.04 4.40
CA ILE A 168 6.90 15.99 5.55
C ILE A 168 7.67 16.24 6.84
N ARG A 169 8.82 15.58 6.99
CA ARG A 169 9.66 15.74 8.13
C ARG A 169 10.05 17.16 8.31
N ASP A 170 10.47 17.80 7.24
CA ASP A 170 10.89 19.19 7.36
C ASP A 170 9.76 20.12 7.81
N LEU A 171 8.58 19.86 7.30
CA LEU A 171 7.39 20.64 7.60
C LEU A 171 7.00 20.54 9.10
N CYS A 172 7.12 19.35 9.64
CA CYS A 172 6.84 19.02 11.02
C CYS A 172 7.90 19.67 11.89
N GLN A 173 9.12 19.76 11.39
CA GLN A 173 10.26 20.38 12.06
C GLN A 173 10.02 21.89 12.19
N ALA A 174 9.37 22.48 11.16
CA ALA A 174 9.08 23.89 11.07
C ALA A 174 7.80 24.29 11.80
N ASP A 175 6.85 23.39 11.86
CA ASP A 175 5.58 23.63 12.51
C ASP A 175 5.14 22.43 13.30
N LYS A 176 5.35 22.68 14.57
CA LYS A 176 5.14 21.80 15.66
C LYS A 176 3.71 21.39 15.87
N THR A 177 2.83 22.12 15.25
CA THR A 177 1.46 21.73 15.40
C THR A 177 1.07 20.60 14.46
N TRP A 178 1.94 20.29 13.51
CA TRP A 178 1.63 19.22 12.61
C TRP A 178 1.79 17.82 13.19
N ASN A 179 0.89 16.88 12.86
CA ASN A 179 1.05 15.52 13.30
C ASN A 179 1.08 14.70 12.04
N ALA A 180 2.03 13.80 11.93
CA ALA A 180 2.14 12.98 10.71
C ALA A 180 2.74 11.65 11.00
N VAL A 181 2.08 10.62 10.51
CA VAL A 181 2.58 9.28 10.66
C VAL A 181 2.93 8.78 9.24
N LEU A 182 4.16 8.36 9.08
CA LEU A 182 4.66 7.84 7.83
C LEU A 182 4.78 6.33 8.00
N LEU A 183 4.01 5.60 7.21
CA LEU A 183 4.02 4.17 7.25
C LEU A 183 4.83 3.58 6.07
N ARG A 184 5.88 2.83 6.40
CA ARG A 184 6.80 2.13 5.52
C ARG A 184 6.52 0.65 5.50
N TYR A 185 6.21 0.14 4.30
CA TYR A 185 5.96 -1.27 4.16
C TYR A 185 6.45 -1.70 2.79
N PHE A 186 6.49 -3.01 2.60
CA PHE A 186 6.96 -3.63 1.35
C PHE A 186 5.87 -4.05 0.39
N ASN A 187 5.61 -5.34 0.31
CA ASN A 187 4.65 -5.75 -0.66
C ASN A 187 3.32 -6.19 -0.14
N PRO A 188 2.29 -5.41 -0.46
CA PRO A 188 0.92 -5.72 -0.04
C PRO A 188 0.41 -6.87 -0.86
N THR A 189 -0.30 -7.80 -0.23
CA THR A 189 -0.84 -8.92 -0.98
C THR A 189 -2.08 -9.43 -0.28
N GLY A 190 -2.76 -10.39 -0.85
CA GLY A 190 -3.97 -10.90 -0.24
C GLY A 190 -5.12 -10.02 -0.66
N ALA A 191 -6.24 -10.16 0.05
CA ALA A 191 -7.43 -9.35 -0.24
C ALA A 191 -8.44 -9.63 0.86
N HIS A 192 -9.48 -8.83 0.89
CA HIS A 192 -10.56 -9.00 1.87
C HIS A 192 -11.06 -10.46 1.81
N ALA A 193 -11.29 -11.00 3.00
CA ALA A 193 -11.73 -12.37 3.12
C ALA A 193 -12.95 -12.75 2.32
N SER A 194 -13.79 -11.76 2.01
CA SER A 194 -14.97 -11.98 1.20
C SER A 194 -14.58 -12.43 -0.21
N GLY A 195 -13.47 -11.94 -0.73
CA GLY A 195 -13.07 -12.33 -2.07
C GLY A 195 -13.80 -11.45 -3.06
N CYS A 196 -14.49 -10.44 -2.53
CA CYS A 196 -15.27 -9.49 -3.33
C CYS A 196 -14.48 -8.29 -3.87
N ILE A 197 -13.39 -8.02 -3.17
CA ILE A 197 -12.49 -6.94 -3.53
C ILE A 197 -11.08 -7.49 -3.39
N GLY A 198 -10.15 -6.83 -4.09
CA GLY A 198 -8.76 -7.21 -4.08
C GLY A 198 -8.07 -6.31 -5.07
N GLU A 199 -6.90 -6.74 -5.52
CA GLU A 199 -6.14 -5.97 -6.49
C GLU A 199 -6.47 -6.40 -7.92
N ASP A 200 -6.86 -5.44 -8.70
CA ASP A 200 -7.08 -5.76 -10.09
C ASP A 200 -5.76 -6.12 -10.76
N PRO A 201 -5.83 -6.90 -11.83
CA PRO A 201 -4.62 -7.24 -12.55
C PRO A 201 -3.85 -5.96 -13.04
N GLN A 202 -2.56 -5.82 -12.65
CA GLN A 202 -1.70 -4.66 -13.00
C GLN A 202 -0.84 -4.92 -14.24
N GLY A 203 -0.62 -3.87 -15.04
CA GLY A 203 0.23 -4.00 -16.24
C GLY A 203 1.65 -4.53 -15.95
N ILE A 204 2.31 -3.95 -14.94
CA ILE A 204 3.67 -4.29 -14.49
C ILE A 204 3.68 -4.45 -12.96
N PRO A 205 3.36 -5.65 -12.51
CA PRO A 205 3.30 -5.98 -11.11
C PRO A 205 4.54 -5.57 -10.37
N ASN A 206 4.42 -5.23 -9.08
CA ASN A 206 5.56 -4.83 -8.28
C ASN A 206 6.16 -6.01 -7.60
N ASN A 207 5.41 -7.09 -7.56
CA ASN A 207 5.94 -8.24 -6.88
C ASN A 207 5.60 -9.54 -7.58
N LEU A 208 6.10 -10.61 -6.95
CA LEU A 208 5.99 -11.99 -7.37
C LEU A 208 4.63 -12.69 -7.27
N MET A 209 3.83 -12.40 -6.27
CA MET A 209 2.57 -13.08 -6.10
C MET A 209 1.64 -13.20 -7.28
N PRO A 210 1.47 -12.12 -7.99
CA PRO A 210 0.57 -12.18 -9.11
C PRO A 210 1.03 -13.23 -10.16
N TYR A 211 2.36 -13.37 -10.29
CA TYR A 211 3.04 -14.29 -11.21
C TYR A 211 2.86 -15.70 -10.74
N VAL A 212 3.05 -15.88 -9.43
CA VAL A 212 2.91 -17.18 -8.83
C VAL A 212 1.47 -17.56 -9.03
N SER A 213 0.64 -16.64 -8.73
CA SER A 213 -0.77 -16.84 -8.86
C SER A 213 -1.27 -17.10 -10.28
N GLN A 214 -0.62 -16.56 -11.32
CA GLN A 214 -1.01 -16.80 -12.69
C GLN A 214 -0.72 -18.21 -13.15
N VAL A 215 0.45 -18.69 -12.71
CA VAL A 215 0.93 -20.03 -13.02
C VAL A 215 -0.05 -21.06 -12.46
N ALA A 216 -0.66 -20.72 -11.32
CA ALA A 216 -1.62 -21.58 -10.64
C ALA A 216 -2.91 -21.73 -11.45
N ILE A 217 -3.40 -20.63 -12.06
CA ILE A 217 -4.61 -20.66 -12.89
C ILE A 217 -4.33 -21.12 -14.31
N GLY A 218 -3.05 -21.39 -14.60
CA GLY A 218 -2.66 -21.83 -15.93
C GLY A 218 -2.51 -20.70 -16.94
N ARG A 219 -2.84 -19.47 -16.54
CA ARG A 219 -2.75 -18.24 -17.34
C ARG A 219 -1.27 -17.93 -17.64
N ARG A 220 -0.42 -18.86 -17.15
CA ARG A 220 1.04 -18.88 -17.22
C ARG A 220 1.60 -20.28 -17.01
N GLU A 221 2.56 -20.67 -17.84
CA GLU A 221 3.16 -21.99 -17.80
C GLU A 221 3.92 -22.38 -16.55
N ALA A 222 5.05 -21.72 -16.35
CA ALA A 222 5.89 -22.00 -15.22
C ALA A 222 6.49 -20.73 -14.67
N LEU A 223 6.88 -20.76 -13.40
CA LEU A 223 7.45 -19.59 -12.79
C LEU A 223 8.96 -19.50 -12.90
N ASN A 224 9.46 -18.29 -13.12
CA ASN A 224 10.91 -18.15 -13.20
C ASN A 224 11.51 -17.76 -11.86
N VAL A 225 12.50 -18.52 -11.43
CA VAL A 225 13.12 -18.26 -10.17
C VAL A 225 14.53 -17.74 -10.37
N PHE A 226 14.67 -16.46 -10.16
CA PHE A 226 15.97 -15.88 -10.35
C PHE A 226 17.02 -16.23 -9.33
N GLY A 227 17.71 -17.35 -9.48
CA GLY A 227 18.74 -17.68 -8.53
C GLY A 227 18.24 -18.61 -7.45
N ASN A 228 19.07 -19.58 -7.14
CA ASN A 228 18.71 -20.51 -6.08
C ASN A 228 19.95 -20.79 -5.28
N ASP A 229 20.91 -19.88 -5.47
CA ASP A 229 22.17 -19.93 -4.82
C ASP A 229 22.34 -18.80 -3.81
N TYR A 230 21.26 -18.18 -3.34
CA TYR A 230 21.48 -17.12 -2.38
C TYR A 230 21.78 -17.69 -1.02
N ASP A 231 22.42 -16.92 -0.15
CA ASP A 231 22.71 -17.44 1.19
C ASP A 231 21.45 -17.44 2.05
N THR A 232 20.41 -18.13 1.61
CA THR A 232 19.17 -18.18 2.34
C THR A 232 18.92 -19.61 2.78
N GLU A 233 17.88 -19.79 3.58
CA GLU A 233 17.50 -21.09 4.12
C GLU A 233 17.35 -22.12 3.01
N ASP A 234 16.78 -21.64 1.92
CA ASP A 234 16.52 -22.46 0.76
C ASP A 234 17.26 -22.04 -0.52
N GLY A 235 18.13 -21.03 -0.44
CA GLY A 235 18.87 -20.59 -1.61
C GLY A 235 18.16 -19.53 -2.40
N THR A 236 16.85 -19.53 -2.29
CA THR A 236 16.04 -18.53 -3.02
C THR A 236 15.91 -17.24 -2.23
N GLY A 237 15.62 -16.16 -2.95
CA GLY A 237 15.48 -14.82 -2.38
C GLY A 237 14.32 -14.65 -1.40
N VAL A 238 14.66 -13.90 -0.35
CA VAL A 238 13.73 -13.57 0.75
C VAL A 238 13.20 -12.13 0.68
N ARG A 239 11.87 -12.06 0.56
CA ARG A 239 11.11 -10.81 0.49
C ARG A 239 10.05 -10.65 1.59
N ASP A 240 9.60 -9.42 1.73
CA ASP A 240 8.60 -9.00 2.70
C ASP A 240 7.22 -8.73 2.10
N TYR A 241 6.27 -9.54 2.53
CA TYR A 241 4.92 -9.41 2.04
C TYR A 241 4.01 -9.22 3.26
N ILE A 242 3.00 -8.37 3.11
CA ILE A 242 2.08 -8.07 4.17
C ILE A 242 0.67 -8.14 3.65
N HIS A 243 -0.23 -8.76 4.43
CA HIS A 243 -1.62 -8.86 4.05
C HIS A 243 -2.25 -7.49 4.02
N VAL A 244 -2.88 -7.18 2.90
CA VAL A 244 -3.52 -5.92 2.69
C VAL A 244 -4.48 -5.51 3.83
N VAL A 245 -5.15 -6.48 4.46
CA VAL A 245 -6.07 -6.21 5.53
C VAL A 245 -5.33 -5.76 6.76
N ASP A 246 -4.27 -6.48 7.05
CA ASP A 246 -3.46 -6.09 8.17
C ASP A 246 -2.91 -4.69 7.93
N LEU A 247 -2.43 -4.42 6.72
CA LEU A 247 -1.89 -3.09 6.38
C LEU A 247 -2.93 -1.97 6.48
N ALA A 248 -4.17 -2.24 6.01
CA ALA A 248 -5.25 -1.28 6.07
C ALA A 248 -5.53 -1.00 7.57
N LYS A 249 -5.55 -2.02 8.38
CA LYS A 249 -5.79 -1.74 9.78
C LYS A 249 -4.63 -0.92 10.37
N GLY A 250 -3.42 -1.12 9.92
CA GLY A 250 -2.33 -0.37 10.50
C GLY A 250 -2.50 1.11 10.19
N HIS A 251 -3.14 1.41 9.08
CA HIS A 251 -3.39 2.78 8.67
C HIS A 251 -4.42 3.35 9.66
N ILE A 252 -5.36 2.54 10.16
CA ILE A 252 -6.36 2.99 11.11
C ILE A 252 -5.65 3.31 12.41
N ALA A 253 -4.71 2.47 12.80
CA ALA A 253 -3.94 2.67 14.03
C ALA A 253 -3.16 3.96 14.01
N ALA A 254 -2.57 4.32 12.89
CA ALA A 254 -1.84 5.56 12.74
C ALA A 254 -2.76 6.76 12.93
N LEU A 255 -3.98 6.64 12.45
CA LEU A 255 -4.99 7.69 12.57
C LEU A 255 -5.30 7.93 14.04
N ARG A 256 -5.43 6.87 14.83
CA ARG A 256 -5.67 7.07 16.24
C ARG A 256 -4.49 7.79 16.88
N LYS A 257 -3.28 7.48 16.46
CA LYS A 257 -2.08 8.09 17.01
C LYS A 257 -2.01 9.60 16.80
N LEU A 258 -2.59 10.04 15.71
CA LEU A 258 -2.52 11.45 15.40
C LEU A 258 -3.19 12.23 16.49
N LYS A 259 -4.24 11.60 16.95
CA LYS A 259 -5.10 12.14 18.01
C LYS A 259 -4.29 12.48 19.24
N GLU A 260 -3.21 11.74 19.42
CA GLU A 260 -2.41 12.01 20.55
C GLU A 260 -1.43 13.14 20.32
N GLN A 261 -1.55 13.95 19.25
CA GLN A 261 -0.60 15.04 18.97
C GLN A 261 0.79 14.44 19.01
N CYS A 262 0.98 13.42 18.19
CA CYS A 262 2.23 12.70 18.15
C CYS A 262 3.32 13.45 17.40
N GLY A 263 2.97 14.49 16.66
CA GLY A 263 4.01 15.15 15.90
C GLY A 263 4.38 14.20 14.71
N CYS A 264 5.64 14.20 14.30
CA CYS A 264 6.08 13.33 13.21
C CYS A 264 6.58 11.95 13.67
N ARG A 265 5.89 10.88 13.23
CA ARG A 265 6.28 9.55 13.60
C ARG A 265 6.40 8.69 12.35
N ILE A 266 7.32 7.75 12.46
CA ILE A 266 7.60 6.82 11.37
C ILE A 266 7.62 5.38 11.85
N TYR A 267 6.82 4.53 11.16
CA TYR A 267 6.78 3.12 11.52
C TYR A 267 6.79 2.18 10.35
N ASN A 268 7.54 1.09 10.53
CA ASN A 268 7.52 0.02 9.56
C ASN A 268 6.37 -0.94 9.95
N LEU A 269 5.58 -1.38 8.96
CA LEU A 269 4.48 -2.34 9.08
C LEU A 269 4.89 -3.58 8.31
N GLY A 270 4.79 -4.74 8.92
CA GLY A 270 5.11 -5.99 8.29
C GLY A 270 4.89 -7.12 9.27
N THR A 271 5.06 -8.34 8.82
CA THR A 271 4.91 -9.46 9.71
C THR A 271 6.12 -9.75 10.57
N GLY A 272 7.28 -9.26 10.15
CA GLY A 272 8.53 -9.46 10.86
C GLY A 272 9.29 -10.70 10.37
N THR A 273 8.68 -11.44 9.44
CA THR A 273 9.30 -12.63 8.89
C THR A 273 9.35 -12.51 7.40
N GLY A 274 10.51 -12.67 6.78
CA GLY A 274 10.48 -12.61 5.33
C GLY A 274 10.09 -13.99 4.79
N TYR A 275 9.61 -14.05 3.53
CA TYR A 275 9.23 -15.30 2.85
C TYR A 275 10.09 -15.49 1.60
N SER A 276 10.59 -16.73 1.39
CA SER A 276 11.37 -17.13 0.23
C SER A 276 10.47 -17.41 -0.94
N VAL A 277 11.09 -17.39 -2.11
CA VAL A 277 10.30 -17.63 -3.27
C VAL A 277 9.69 -19.01 -3.21
N LEU A 278 10.46 -19.98 -2.71
CA LEU A 278 9.99 -21.36 -2.61
C LEU A 278 8.81 -21.53 -1.68
N GLN A 279 8.96 -20.88 -0.53
CA GLN A 279 7.94 -20.85 0.49
C GLN A 279 6.66 -20.31 -0.13
N MET A 280 6.81 -19.28 -0.94
CA MET A 280 5.56 -18.77 -1.50
C MET A 280 4.92 -19.70 -2.51
N VAL A 281 5.75 -20.41 -3.20
CA VAL A 281 5.23 -21.27 -4.21
C VAL A 281 4.47 -22.39 -3.51
N GLN A 282 5.08 -22.89 -2.43
CA GLN A 282 4.52 -23.98 -1.62
C GLN A 282 3.19 -23.56 -1.05
N ALA A 283 3.19 -22.36 -0.47
CA ALA A 283 2.01 -21.77 0.13
C ALA A 283 0.91 -21.60 -0.89
N MET A 284 1.29 -21.25 -2.10
CA MET A 284 0.28 -21.08 -3.12
C MET A 284 -0.24 -22.41 -3.65
N GLU A 285 0.59 -23.42 -3.57
CA GLU A 285 0.13 -24.68 -4.06
C GLU A 285 -0.93 -25.17 -3.10
N LYS A 286 -0.61 -25.04 -1.83
CA LYS A 286 -1.48 -25.45 -0.75
C LYS A 286 -2.86 -24.80 -0.88
N ALA A 287 -2.86 -23.49 -1.11
CA ALA A 287 -4.08 -22.74 -1.22
C ALA A 287 -4.90 -23.01 -2.45
N SER A 288 -4.21 -23.19 -3.58
CA SER A 288 -4.84 -23.41 -4.88
C SER A 288 -5.26 -24.84 -5.17
N GLY A 289 -4.44 -25.73 -4.60
CA GLY A 289 -4.55 -27.16 -4.75
C GLY A 289 -3.94 -27.52 -6.10
N LYS A 290 -3.50 -26.47 -6.81
CA LYS A 290 -2.87 -26.57 -8.13
C LYS A 290 -1.37 -26.65 -8.00
N LYS A 291 -0.79 -27.21 -9.04
CA LYS A 291 0.64 -27.39 -9.13
C LYS A 291 1.24 -26.17 -9.78
N ILE A 292 2.39 -25.76 -9.26
CA ILE A 292 3.09 -24.59 -9.75
C ILE A 292 4.52 -24.95 -10.12
N PRO A 293 4.72 -25.30 -11.39
CA PRO A 293 6.06 -25.64 -11.85
C PRO A 293 6.94 -24.38 -11.96
N TYR A 294 8.23 -24.53 -11.72
CA TYR A 294 9.05 -23.34 -11.79
C TYR A 294 10.39 -23.69 -12.38
N LYS A 295 11.10 -22.66 -12.84
CA LYS A 295 12.42 -22.85 -13.43
C LYS A 295 13.50 -21.96 -12.83
N VAL A 296 14.61 -22.54 -12.34
CA VAL A 296 15.70 -21.75 -11.75
C VAL A 296 16.38 -21.10 -12.97
N VAL A 297 16.46 -19.80 -12.98
CA VAL A 297 17.18 -19.12 -14.01
C VAL A 297 18.31 -18.48 -13.24
N ALA A 298 19.13 -17.67 -13.88
CA ALA A 298 20.22 -17.02 -13.19
C ALA A 298 19.74 -15.80 -12.40
N ARG A 299 20.50 -15.53 -11.32
CA ARG A 299 20.32 -14.44 -10.38
C ARG A 299 20.22 -13.12 -11.12
N ARG A 300 19.21 -12.34 -10.74
CA ARG A 300 18.99 -11.02 -11.29
C ARG A 300 20.03 -10.00 -10.80
N GLU A 301 20.48 -9.18 -11.75
CA GLU A 301 21.45 -8.14 -11.48
C GLU A 301 20.88 -7.18 -10.46
N GLY A 302 21.62 -7.06 -9.36
CA GLY A 302 21.19 -6.17 -8.30
C GLY A 302 20.37 -6.78 -7.18
N ASP A 303 19.73 -7.91 -7.47
CA ASP A 303 18.92 -8.58 -6.48
C ASP A 303 19.74 -8.96 -5.24
N VAL A 304 19.14 -8.74 -4.07
CA VAL A 304 19.77 -9.09 -2.80
C VAL A 304 19.16 -10.39 -2.27
N ALA A 305 19.91 -11.05 -1.40
CA ALA A 305 19.46 -12.31 -0.86
C ALA A 305 18.15 -12.26 -0.12
N ALA A 306 18.08 -11.33 0.86
CA ALA A 306 16.91 -11.16 1.73
C ALA A 306 16.60 -9.69 2.04
N CYS A 307 15.32 -9.39 2.13
CA CYS A 307 14.89 -8.04 2.43
C CYS A 307 13.56 -8.01 3.16
N TYR A 308 13.62 -7.76 4.48
CA TYR A 308 12.41 -7.75 5.30
C TYR A 308 12.53 -6.73 6.43
N ALA A 309 11.37 -6.29 6.95
CA ALA A 309 11.33 -5.30 8.03
C ALA A 309 11.04 -5.79 9.44
N ASN A 310 11.48 -4.98 10.37
CA ASN A 310 11.23 -5.18 11.78
C ASN A 310 10.07 -4.26 12.15
N PRO A 311 8.92 -4.80 12.58
CA PRO A 311 7.74 -4.01 12.90
C PRO A 311 7.48 -3.84 14.40
N SER A 312 8.50 -4.04 15.20
CA SER A 312 8.41 -3.90 16.65
C SER A 312 7.89 -2.57 17.17
N LEU A 313 8.47 -1.48 16.70
CA LEU A 313 8.09 -0.17 17.11
C LEU A 313 6.60 0.07 16.92
N ALA A 314 6.02 -0.39 15.81
CA ALA A 314 4.60 -0.18 15.57
C ALA A 314 3.80 -0.96 16.62
N GLN A 315 4.32 -2.08 17.05
CA GLN A 315 3.53 -2.80 18.00
C GLN A 315 3.50 -2.05 19.33
N GLU A 316 4.65 -1.49 19.61
CA GLU A 316 4.84 -0.76 20.81
C GLU A 316 4.10 0.56 20.86
N GLU A 317 4.23 1.31 19.79
CA GLU A 317 3.61 2.63 19.78
C GLU A 317 2.24 2.70 19.19
N LEU A 318 1.93 1.83 18.25
CA LEU A 318 0.60 1.88 17.67
C LEU A 318 -0.24 0.74 18.21
N GLY A 319 0.40 -0.17 18.95
CA GLY A 319 -0.32 -1.32 19.46
C GLY A 319 -0.73 -2.24 18.32
N TRP A 320 -0.06 -2.10 17.17
CA TRP A 320 -0.41 -2.92 16.00
C TRP A 320 0.46 -4.14 15.77
N THR A 321 -0.18 -5.22 15.29
CA THR A 321 0.46 -6.47 14.91
C THR A 321 -0.20 -7.03 13.66
N ALA A 322 0.59 -7.73 12.84
CA ALA A 322 0.07 -8.33 11.65
C ALA A 322 -0.48 -9.67 12.13
N ALA A 323 -1.78 -9.87 11.94
CA ALA A 323 -2.43 -11.11 12.36
C ALA A 323 -2.41 -12.19 11.28
N LEU A 324 -2.28 -11.80 10.01
CA LEU A 324 -2.29 -12.71 8.85
C LEU A 324 -0.93 -13.11 8.30
N GLY A 325 -0.80 -14.43 8.08
CA GLY A 325 0.42 -15.03 7.56
C GLY A 325 0.33 -15.35 6.06
N LEU A 326 1.42 -16.01 5.63
CA LEU A 326 1.61 -16.39 4.24
C LEU A 326 0.46 -17.18 3.65
N ASP A 327 0.03 -18.16 4.44
CA ASP A 327 -1.08 -19.02 4.06
C ASP A 327 -2.36 -18.24 3.80
N ARG A 328 -2.72 -17.34 4.73
CA ARG A 328 -3.90 -16.50 4.56
C ARG A 328 -3.78 -15.61 3.35
N MET A 329 -2.57 -15.04 3.20
CA MET A 329 -2.34 -14.18 2.03
C MET A 329 -2.69 -14.94 0.73
N CYS A 330 -2.13 -16.15 0.62
CA CYS A 330 -2.37 -17.03 -0.54
C CYS A 330 -3.83 -17.39 -0.72
N GLU A 331 -4.45 -17.81 0.38
CA GLU A 331 -5.86 -18.17 0.28
C GLU A 331 -6.73 -17.06 -0.14
N ASP A 332 -6.47 -15.92 0.55
CA ASP A 332 -7.28 -14.75 0.28
C ASP A 332 -7.14 -14.25 -1.13
N LEU A 333 -5.89 -14.28 -1.60
CA LEU A 333 -5.56 -13.85 -2.98
C LEU A 333 -6.25 -14.80 -3.99
N TRP A 334 -6.02 -16.10 -3.75
CA TRP A 334 -6.60 -17.13 -4.60
C TRP A 334 -8.11 -16.96 -4.72
N ARG A 335 -8.76 -16.75 -3.57
CA ARG A 335 -10.19 -16.56 -3.54
C ARG A 335 -10.66 -15.40 -4.36
N TRP A 336 -10.01 -14.24 -4.23
CA TRP A 336 -10.44 -13.07 -5.00
C TRP A 336 -10.30 -13.35 -6.49
N GLN A 337 -9.20 -13.98 -6.82
CA GLN A 337 -8.94 -14.25 -8.21
C GLN A 337 -9.93 -15.22 -8.90
N LYS A 338 -10.21 -16.30 -8.19
CA LYS A 338 -11.11 -17.34 -8.65
C LYS A 338 -12.50 -16.74 -8.78
N GLN A 339 -12.79 -15.90 -7.83
CA GLN A 339 -14.06 -15.22 -7.81
C GLN A 339 -14.17 -14.13 -8.85
N ASN A 340 -13.04 -13.48 -9.14
CA ASN A 340 -13.06 -12.39 -10.08
C ASN A 340 -11.83 -12.48 -10.92
N PRO A 341 -11.90 -13.39 -11.87
CA PRO A 341 -10.84 -13.67 -12.79
C PRO A 341 -10.24 -12.44 -13.42
N SER A 342 -11.09 -11.52 -13.86
CA SER A 342 -10.61 -10.31 -14.50
C SER A 342 -10.58 -9.06 -13.66
N GLY A 343 -10.62 -9.20 -12.35
CA GLY A 343 -10.65 -8.01 -11.53
C GLY A 343 -12.08 -7.51 -11.61
N PHE A 344 -12.27 -6.18 -11.44
CA PHE A 344 -13.57 -5.50 -11.48
C PHE A 344 -14.28 -5.50 -12.85
N GLY A 345 -15.60 -5.48 -12.75
CA GLY A 345 -16.54 -5.48 -13.85
C GLY A 345 -17.91 -5.16 -13.28
N THR A 346 -18.52 -4.15 -13.92
CA THR A 346 -19.85 -3.64 -13.59
C THR A 346 -20.94 -4.60 -14.07
PA NAD B . -3.42 1.84 -6.52
O1A NAD B . -3.02 2.29 -7.88
O2A NAD B . -4.35 0.67 -6.55
O5B NAD B . -4.19 3.09 -5.90
C5B NAD B . -3.75 4.45 -6.04
C4B NAD B . -5.01 5.16 -6.47
O4B NAD B . -4.75 6.56 -6.65
C3B NAD B . -5.68 4.69 -7.74
O3B NAD B . -7.06 4.55 -7.47
C2B NAD B . -5.39 5.84 -8.71
O2B NAD B . -6.46 6.00 -9.64
C1B NAD B . -5.44 7.01 -7.74
N9A NAD B . -4.66 8.14 -8.19
C8A NAD B . -3.47 8.14 -8.89
N7A NAD B . -3.10 9.39 -9.25
C5A NAD B . -4.12 10.20 -8.74
C6A NAD B . -4.34 11.57 -8.78
N6A NAD B . -3.51 12.43 -9.39
N1A NAD B . -5.43 12.08 -8.14
C2A NAD B . -6.30 11.21 -7.53
N3A NAD B . -6.19 9.93 -7.45
C4A NAD B . -5.06 9.46 -8.04
O3 NAD B . -2.15 1.44 -5.76
PN NAD B . -1.87 1.14 -4.19
O1N NAD B . -0.78 0.14 -4.12
O2N NAD B . -3.17 0.56 -3.73
O5D NAD B . -1.50 2.24 -3.13
C5D NAD B . -1.34 3.59 -3.44
C4D NAD B . -0.36 4.10 -2.42
O4D NAD B . 0.27 2.95 -1.80
C3D NAD B . 0.75 4.97 -3.01
O3D NAD B . 1.05 6.03 -2.12
C2D NAD B . 1.86 3.91 -3.11
O2D NAD B . 3.14 4.52 -3.22
C1D NAD B . 1.67 3.15 -1.80
N1N NAD B . 2.37 1.86 -1.82
C2N NAD B . 1.91 0.89 -2.70
C3N NAD B . 2.72 -0.20 -2.81
C7N NAD B . 2.36 -1.28 -3.80
O7N NAD B . 3.20 -2.20 -3.80
N7N NAD B . 1.23 -1.31 -4.57
C4N NAD B . 3.88 -0.44 -2.06
C5N NAD B . 4.19 0.56 -1.18
C6N NAD B . 3.49 1.70 -0.99
#